data_5N6F
#
_entry.id   5N6F
#
_cell.length_a   88.711
_cell.length_b   64.851
_cell.length_c   70.655
_cell.angle_alpha   90.000
_cell.angle_beta   93.357
_cell.angle_gamma   90.000
#
_symmetry.space_group_name_H-M   'C 1 2 1'
#
loop_
_entity.id
_entity.type
_entity.pdbx_description
1 polymer 'Queuine tRNA-ribosyltransferase'
2 non-polymer 'ZINC ION'
3 non-polymer 'DIMETHYL SULFOXIDE'
4 non-polymer DI(HYDROXYETHYL)ETHER
5 non-polymer GUANINE
6 non-polymer 'TRIETHYLENE GLYCOL'
7 water water
#
_entity_poly.entity_id   1
_entity_poly.type   'polypeptide(L)'
_entity_poly.pdbx_seq_one_letter_code
;DRPRFSFSIAAREGKARTGTIEMKRGVIRTPAFMPVGTAATVKALKPETVRATGADIILGNTYHLMLRPGAERIAKLGGL
HSFMGWDRPILTDSGGYQVMSLSSLTKQSEEGVTFKSHLDGSRHMLSPERSIEIQHLLGSDIVMAFDECTPYPATPSRAA
SSMERSMRWAKRSRDAFDSRKEQAENAALFGIQQGSVFENLRQQSADALAEIGFDGYAVGGLAVGEGQDEMFRVLDFSVP
MLPDDKPHYLMGVGKPDDIVGAVERGIDMFDCVLPTRSGRNGQAFTWDGPINIRNARFSEDLKPLDSECHCAVCQKWSRA
YIHHLIRAGEILGAMLMTEHNIAFYQQLMQKIRDSISEGRFSQFAQDFRARYFAR
;
_entity_poly.pdbx_strand_id   A
#
loop_
_chem_comp.id
_chem_comp.type
_chem_comp.name
_chem_comp.formula
DMS non-polymer 'DIMETHYL SULFOXIDE' 'C2 H6 O S'
GUN non-polymer GUANINE 'C5 H5 N5 O'
PEG non-polymer DI(HYDROXYETHYL)ETHER 'C4 H10 O3'
PGE non-polymer 'TRIETHYLENE GLYCOL' 'C6 H14 O4'
ZN non-polymer 'ZINC ION' 'Zn 2'
#
# COMPACT_ATOMS: atom_id res chain seq x y z
N ASP A 1 4.79 -1.28 -26.36
CA ASP A 1 5.56 -0.09 -26.69
C ASP A 1 6.08 0.59 -25.42
N ARG A 2 5.31 0.49 -24.34
CA ARG A 2 5.67 1.17 -23.10
C ARG A 2 6.64 0.33 -22.28
N PRO A 3 7.37 0.96 -21.35
CA PRO A 3 8.31 0.19 -20.52
C PRO A 3 7.60 -0.75 -19.56
N ARG A 4 8.22 -1.91 -19.34
CA ARG A 4 7.77 -2.81 -18.29
C ARG A 4 7.86 -2.15 -16.92
N PHE A 5 9.01 -1.54 -16.63
CA PHE A 5 9.24 -0.96 -15.31
C PHE A 5 10.45 -0.05 -15.43
N SER A 6 10.25 1.25 -15.23
CA SER A 6 11.35 2.20 -15.25
C SER A 6 11.10 3.25 -14.16
N PHE A 7 11.96 3.27 -13.14
CA PHE A 7 11.87 4.22 -12.05
C PHE A 7 12.87 5.34 -12.28
N SER A 8 12.39 6.58 -12.22
N SER A 8 12.41 6.58 -12.17
CA SER A 8 13.19 7.77 -12.33
CA SER A 8 13.27 7.74 -12.33
C SER A 8 13.00 8.60 -11.08
C SER A 8 13.01 8.70 -11.18
N ILE A 9 14.09 9.14 -10.54
CA ILE A 9 14.03 10.12 -9.46
C ILE A 9 14.28 11.49 -10.06
N ALA A 10 13.27 12.36 -9.97
CA ALA A 10 13.34 13.70 -10.52
C ALA A 10 13.96 14.70 -9.57
N ALA A 11 13.82 14.49 -8.27
CA ALA A 11 14.27 15.46 -7.28
C ALA A 11 14.38 14.78 -5.92
N ARG A 12 15.23 15.35 -5.07
CA ARG A 12 15.45 14.85 -3.72
CA ARG A 12 15.42 14.85 -3.72
C ARG A 12 15.50 16.02 -2.75
N GLU A 13 15.17 15.74 -1.50
CA GLU A 13 15.39 16.69 -0.41
C GLU A 13 15.67 15.85 0.82
N GLY A 14 16.90 15.90 1.33
CA GLY A 14 17.27 15.00 2.39
C GLY A 14 17.18 13.57 1.89
N LYS A 15 16.52 12.70 2.66
CA LYS A 15 16.27 11.32 2.24
C LYS A 15 15.02 11.19 1.36
N ALA A 16 14.22 12.24 1.24
CA ALA A 16 13.00 12.16 0.47
C ALA A 16 13.30 12.24 -1.02
N ARG A 17 12.51 11.50 -1.81
CA ARG A 17 12.64 11.49 -3.25
C ARG A 17 11.27 11.68 -3.88
N THR A 18 11.25 12.25 -5.08
CA THR A 18 10.05 12.28 -5.90
C THR A 18 10.41 11.90 -7.33
N GLY A 19 9.49 11.21 -7.99
CA GLY A 19 9.76 10.75 -9.33
C GLY A 19 8.60 9.99 -9.91
N THR A 20 8.91 9.04 -10.80
CA THR A 20 7.88 8.30 -11.52
C THR A 20 8.35 6.87 -11.72
N ILE A 21 7.38 5.97 -11.74
CA ILE A 21 7.55 4.60 -12.23
C ILE A 21 6.71 4.48 -13.49
N GLU A 22 7.37 4.23 -14.62
CA GLU A 22 6.65 3.97 -15.86
C GLU A 22 6.44 2.48 -16.01
N MET A 23 5.19 2.09 -16.26
CA MET A 23 4.83 0.70 -16.51
C MET A 23 3.92 0.62 -17.74
N LYS A 24 3.65 -0.60 -18.18
CA LYS A 24 2.88 -0.76 -19.41
C LYS A 24 1.47 -0.18 -19.28
N ARG A 25 0.86 -0.31 -18.11
CA ARG A 25 -0.51 0.18 -17.92
CA ARG A 25 -0.51 0.17 -17.90
C ARG A 25 -0.59 1.60 -17.38
N GLY A 26 0.52 2.29 -17.21
CA GLY A 26 0.47 3.67 -16.80
C GLY A 26 1.67 4.09 -15.98
N VAL A 27 1.69 5.38 -15.65
CA VAL A 27 2.75 5.98 -14.84
C VAL A 27 2.27 6.11 -13.42
N ILE A 28 3.17 5.85 -12.48
CA ILE A 28 2.93 5.99 -11.04
C ILE A 28 3.81 7.11 -10.54
N ARG A 29 3.20 8.18 -10.06
CA ARG A 29 3.93 9.31 -9.49
C ARG A 29 4.28 9.01 -8.05
N THR A 30 5.53 9.26 -7.67
CA THR A 30 5.99 8.91 -6.34
C THR A 30 6.49 10.16 -5.60
N PRO A 31 6.31 10.23 -4.27
CA PRO A 31 5.67 9.21 -3.44
C PRO A 31 4.19 8.99 -3.78
N ALA A 32 3.80 7.72 -3.72
CA ALA A 32 2.50 7.26 -4.17
C ALA A 32 1.72 6.65 -3.02
N PHE A 33 0.41 6.89 -3.02
CA PHE A 33 -0.50 6.18 -2.13
C PHE A 33 -1.41 5.30 -2.98
N MET A 34 -1.49 4.02 -2.59
CA MET A 34 -2.31 3.02 -3.27
C MET A 34 -3.56 2.74 -2.47
N PRO A 35 -4.74 3.13 -2.94
CA PRO A 35 -5.97 2.65 -2.33
C PRO A 35 -6.02 1.13 -2.35
N VAL A 36 -6.61 0.56 -1.31
CA VAL A 36 -6.68 -0.89 -1.16
C VAL A 36 -8.00 -1.40 -1.71
N GLY A 37 -7.91 -2.41 -2.55
CA GLY A 37 -9.09 -3.08 -3.08
C GLY A 37 -9.05 -4.56 -2.80
N ALA A 39 -11.31 -7.20 -2.19
CA ALA A 39 -12.21 -8.14 -2.87
C ALA A 39 -12.52 -7.66 -4.28
N ALA A 40 -11.52 -7.18 -4.98
CA ALA A 40 -11.66 -6.71 -6.36
C ALA A 40 -12.54 -5.47 -6.44
N THR A 41 -12.50 -4.63 -5.41
CA THR A 41 -13.16 -3.34 -5.40
C THR A 41 -12.50 -2.48 -4.34
N VAL A 42 -12.29 -1.21 -4.67
CA VAL A 42 -11.98 -0.19 -3.66
C VAL A 42 -13.32 0.21 -3.07
N LYS A 43 -13.54 -0.13 -1.80
CA LYS A 43 -14.89 -0.22 -1.27
C LYS A 43 -15.65 1.10 -1.48
N ALA A 44 -16.83 0.99 -2.07
CA ALA A 44 -17.80 2.07 -2.26
C ALA A 44 -17.42 3.02 -3.39
N LEU A 45 -16.44 2.70 -4.23
CA LEU A 45 -16.03 3.57 -5.33
C LEU A 45 -15.96 2.82 -6.65
N LYS A 46 -16.57 3.40 -7.68
CA LYS A 46 -16.26 2.96 -9.03
C LYS A 46 -14.79 3.25 -9.35
N PRO A 47 -14.17 2.42 -10.20
CA PRO A 47 -12.80 2.72 -10.65
C PRO A 47 -12.63 4.12 -11.22
N GLU A 48 -13.60 4.62 -11.98
CA GLU A 48 -13.44 5.97 -12.51
C GLU A 48 -13.35 7.00 -11.39
N THR A 49 -14.06 6.77 -10.29
CA THR A 49 -13.97 7.69 -9.16
C THR A 49 -12.63 7.56 -8.48
N VAL A 50 -12.12 6.34 -8.32
CA VAL A 50 -10.78 6.15 -7.78
C VAL A 50 -9.78 6.95 -8.61
N ARG A 51 -9.86 6.84 -9.93
CA ARG A 51 -8.94 7.58 -10.78
C ARG A 51 -9.13 9.09 -10.62
N ALA A 52 -10.38 9.54 -10.53
CA ALA A 52 -10.66 10.98 -10.42
C ALA A 52 -10.04 11.58 -9.17
N THR A 53 -9.85 10.78 -8.12
CA THR A 53 -9.18 11.29 -6.92
C THR A 53 -7.69 11.51 -7.12
N GLY A 54 -7.11 10.98 -8.20
CA GLY A 54 -5.69 11.09 -8.47
C GLY A 54 -4.89 9.82 -8.34
N ALA A 55 -5.51 8.71 -7.95
CA ALA A 55 -4.77 7.46 -7.78
C ALA A 55 -4.24 6.98 -9.12
N ASP A 56 -2.98 6.54 -9.09
CA ASP A 56 -2.29 5.97 -10.25
C ASP A 56 -2.26 4.44 -10.24
N ILE A 57 -2.44 3.83 -9.08
CA ILE A 57 -2.27 2.40 -8.89
C ILE A 57 -3.09 2.04 -7.65
N ILE A 58 -3.66 0.83 -7.65
CA ILE A 58 -4.39 0.29 -6.51
C ILE A 58 -3.76 -1.03 -6.10
N LEU A 59 -4.07 -1.45 -4.89
CA LEU A 59 -3.60 -2.72 -4.33
C LEU A 59 -4.73 -3.75 -4.34
N GLY A 60 -4.44 -4.96 -4.82
CA GLY A 60 -5.30 -6.13 -4.64
C GLY A 60 -4.67 -7.22 -3.79
N ASN A 61 -5.43 -8.17 -3.26
CA ASN A 61 -4.91 -9.14 -2.28
C ASN A 61 -5.04 -10.57 -2.78
N THR A 62 -3.89 -11.24 -2.96
CA THR A 62 -3.88 -12.65 -3.33
C THR A 62 -4.77 -13.48 -2.41
N TYR A 63 -4.71 -13.23 -1.10
CA TYR A 63 -5.40 -14.09 -0.14
C TYR A 63 -6.91 -14.08 -0.37
N HIS A 64 -7.51 -12.90 -0.51
CA HIS A 64 -8.96 -12.84 -0.67
C HIS A 64 -9.37 -13.38 -2.04
N LEU A 65 -8.70 -12.93 -3.10
CA LEU A 65 -9.14 -13.26 -4.45
C LEU A 65 -8.94 -14.73 -4.78
N MET A 66 -7.96 -15.38 -4.15
CA MET A 66 -7.75 -16.80 -4.41
C MET A 66 -8.89 -17.64 -3.88
N LEU A 67 -9.64 -17.14 -2.91
CA LEU A 67 -10.80 -17.84 -2.39
C LEU A 67 -12.09 -17.38 -3.06
N ARG A 68 -12.26 -16.07 -3.24
CA ARG A 68 -13.47 -15.50 -3.82
C ARG A 68 -13.07 -14.37 -4.73
N PRO A 69 -13.24 -14.51 -6.06
CA PRO A 69 -13.89 -15.60 -6.79
C PRO A 69 -13.00 -16.78 -7.20
N GLY A 70 -11.70 -16.74 -6.93
CA GLY A 70 -10.72 -17.74 -7.31
C GLY A 70 -9.84 -17.22 -8.42
N ALA A 71 -8.55 -17.60 -8.39
CA ALA A 71 -7.59 -17.05 -9.35
C ALA A 71 -7.81 -17.59 -10.76
N GLU A 72 -8.03 -18.90 -10.90
CA GLU A 72 -8.32 -19.45 -12.22
C GLU A 72 -9.58 -18.83 -12.79
N ARG A 73 -10.59 -18.60 -11.95
CA ARG A 73 -11.83 -18.01 -12.45
C ARG A 73 -11.59 -16.59 -12.94
N ILE A 74 -10.88 -15.78 -12.16
CA ILE A 74 -10.57 -14.43 -12.63
C ILE A 74 -9.81 -14.48 -13.94
N ALA A 75 -8.84 -15.40 -14.06
CA ALA A 75 -8.11 -15.50 -15.32
C ALA A 75 -9.03 -15.88 -16.47
N LYS A 76 -9.97 -16.81 -16.24
CA LYS A 76 -10.89 -17.20 -17.29
C LYS A 76 -11.77 -16.03 -17.71
N LEU A 77 -12.10 -15.15 -16.78
CA LEU A 77 -12.91 -13.97 -17.07
C LEU A 77 -12.10 -12.82 -17.66
N GLY A 78 -10.81 -13.01 -17.88
CA GLY A 78 -9.99 -12.02 -18.56
C GLY A 78 -9.02 -11.27 -17.69
N GLY A 79 -8.85 -11.67 -16.43
CA GLY A 79 -7.91 -11.01 -15.55
C GLY A 79 -8.58 -9.99 -14.66
N LEU A 80 -7.88 -9.63 -13.58
CA LEU A 80 -8.42 -8.72 -12.58
C LEU A 80 -8.74 -7.35 -13.16
N HIS A 81 -7.91 -6.83 -14.05
CA HIS A 81 -8.15 -5.48 -14.58
C HIS A 81 -9.49 -5.42 -15.29
N SER A 82 -9.75 -6.39 -16.18
CA SER A 82 -11.02 -6.43 -16.89
C SER A 82 -12.17 -6.69 -15.94
N PHE A 83 -11.98 -7.64 -15.02
CA PHE A 83 -13.04 -8.04 -14.11
C PHE A 83 -13.56 -6.85 -13.34
N MET A 84 -12.67 -6.05 -12.76
CA MET A 84 -13.13 -4.95 -11.91
C MET A 84 -13.22 -3.61 -12.65
N GLY A 85 -12.74 -3.54 -13.88
CA GLY A 85 -12.83 -2.30 -14.63
C GLY A 85 -11.82 -1.24 -14.27
N TRP A 86 -10.61 -1.65 -13.88
CA TRP A 86 -9.50 -0.75 -13.62
C TRP A 86 -8.37 -1.13 -14.57
N ASP A 87 -8.02 -0.22 -15.47
CA ASP A 87 -7.08 -0.54 -16.53
C ASP A 87 -5.66 -0.06 -16.26
N ARG A 88 -5.41 0.53 -15.10
CA ARG A 88 -4.10 1.04 -14.73
C ARG A 88 -3.36 0.02 -13.89
N PRO A 89 -2.16 0.33 -13.40
CA PRO A 89 -1.43 -0.67 -12.64
C PRO A 89 -2.15 -1.13 -11.39
N ILE A 90 -1.95 -2.41 -11.06
CA ILE A 90 -2.38 -3.04 -9.83
C ILE A 90 -1.16 -3.72 -9.22
N LEU A 91 -0.95 -3.47 -7.93
CA LEU A 91 0.02 -4.22 -7.13
C LEU A 91 -0.76 -5.24 -6.33
N THR A 92 -0.32 -6.50 -6.35
CA THR A 92 -0.95 -7.54 -5.53
C THR A 92 -0.04 -7.94 -4.38
N ASP A 93 -0.60 -7.97 -3.19
CA ASP A 93 0.16 -8.54 -2.09
C ASP A 93 0.17 -10.05 -2.27
N SER A 94 1.12 -10.72 -1.60
CA SER A 94 1.44 -12.11 -1.90
C SER A 94 0.63 -13.13 -1.14
N GLY A 95 -0.09 -12.73 -0.11
CA GLY A 95 -0.99 -13.63 0.60
C GLY A 95 -0.50 -14.28 1.87
N GLY A 96 0.78 -14.63 1.96
CA GLY A 96 1.28 -15.24 3.17
C GLY A 96 1.06 -14.37 4.40
N TYR A 97 1.16 -13.05 4.24
N TYR A 97 1.05 -13.04 4.21
CA TYR A 97 1.09 -12.18 5.41
CA TYR A 97 0.82 -12.11 5.30
C TYR A 97 -0.33 -12.14 5.96
C TYR A 97 -0.66 -12.07 5.70
N GLN A 98 -1.30 -11.80 5.11
N GLN A 98 -1.56 -12.07 4.72
CA GLN A 98 -2.69 -11.78 5.53
CA GLN A 98 -2.99 -12.11 5.03
C GLN A 98 -3.09 -13.10 6.17
C GLN A 98 -3.40 -13.43 5.65
N VAL A 99 -2.91 -14.20 5.43
N VAL A 99 -2.60 -14.48 5.52
CA VAL A 99 -3.38 -15.51 5.91
CA VAL A 99 -2.89 -15.75 6.17
C VAL A 99 -2.97 -15.76 7.35
C VAL A 99 -2.54 -15.64 7.65
N MET A 100 -1.84 -15.23 7.77
N MET A 100 -1.26 -15.47 7.94
CA MET A 100 -1.47 -15.31 9.18
CA MET A 100 -0.79 -15.59 9.32
C MET A 100 -2.16 -14.19 9.92
C MET A 100 -1.09 -14.32 10.11
N LYS A 107 -0.44 -22.99 9.80
CA LYS A 107 0.62 -23.99 9.81
C LYS A 107 1.72 -23.60 8.82
N GLN A 108 2.88 -23.26 9.35
CA GLN A 108 4.02 -22.86 8.53
C GLN A 108 5.02 -24.00 8.43
N SER A 109 5.64 -24.11 7.26
CA SER A 109 6.74 -25.04 7.04
C SER A 109 7.67 -24.40 6.02
N GLU A 110 8.77 -25.08 5.71
CA GLU A 110 9.66 -24.53 4.69
C GLU A 110 8.97 -24.43 3.34
N GLU A 111 8.00 -25.32 3.08
CA GLU A 111 7.31 -25.29 1.79
C GLU A 111 6.42 -24.07 1.63
N GLY A 112 5.75 -23.65 2.70
CA GLY A 112 4.79 -22.56 2.62
C GLY A 112 3.90 -22.55 3.86
N VAL A 113 2.65 -22.12 3.66
CA VAL A 113 1.68 -22.00 4.74
C VAL A 113 0.42 -22.74 4.35
N THR A 114 -0.12 -23.51 5.30
CA THR A 114 -1.41 -24.15 5.17
C THR A 114 -2.41 -23.41 6.05
N PHE A 115 -3.64 -23.26 5.57
CA PHE A 115 -4.63 -22.48 6.29
C PHE A 115 -6.04 -22.97 5.96
N LYS A 116 -6.98 -22.59 6.81
CA LYS A 116 -8.40 -22.85 6.60
C LYS A 116 -9.12 -21.55 6.28
N SER A 117 -10.03 -21.61 5.32
CA SER A 117 -10.82 -20.44 4.94
C SER A 117 -11.89 -20.15 5.98
N HIS A 118 -12.17 -18.87 6.16
CA HIS A 118 -13.22 -18.43 7.08
C HIS A 118 -14.59 -18.90 6.59
N SER A 122 -12.54 -25.10 4.97
CA SER A 122 -11.77 -25.65 3.87
C SER A 122 -10.31 -25.24 3.98
N ARG A 123 -9.40 -26.19 3.81
CA ARG A 123 -7.98 -25.95 4.00
C ARG A 123 -7.29 -25.72 2.66
N HIS A 124 -6.40 -24.74 2.62
CA HIS A 124 -5.64 -24.41 1.43
C HIS A 124 -4.18 -24.23 1.78
N MET A 125 -3.35 -24.19 0.73
CA MET A 125 -1.93 -23.99 0.87
C MET A 125 -1.49 -22.80 0.01
N LEU A 126 -0.51 -22.08 0.52
CA LEU A 126 0.18 -21.07 -0.25
C LEU A 126 1.67 -21.30 -0.11
N SER A 127 2.41 -21.05 -1.16
CA SER A 127 3.86 -21.22 -1.21
C SER A 127 4.36 -20.10 -2.11
N PRO A 128 5.67 -19.86 -2.14
CA PRO A 128 6.17 -18.86 -3.10
C PRO A 128 5.72 -19.15 -4.52
N GLU A 129 5.83 -20.40 -4.96
CA GLU A 129 5.47 -20.73 -6.33
C GLU A 129 3.98 -20.53 -6.59
N ARG A 130 3.14 -20.97 -5.66
CA ARG A 130 1.70 -20.81 -5.87
C ARG A 130 1.30 -19.35 -5.80
N SER A 131 1.92 -18.57 -4.92
CA SER A 131 1.61 -17.15 -4.82
C SER A 131 1.95 -16.43 -6.12
N ILE A 132 3.13 -16.69 -6.68
CA ILE A 132 3.50 -16.08 -7.95
C ILE A 132 2.52 -16.50 -9.04
N GLU A 133 2.13 -17.78 -9.06
CA GLU A 133 1.17 -18.25 -10.07
CA GLU A 133 1.18 -18.24 -10.07
C GLU A 133 -0.18 -17.55 -9.93
N ILE A 134 -0.67 -17.42 -8.70
CA ILE A 134 -1.93 -16.71 -8.48
C ILE A 134 -1.83 -15.27 -8.98
N GLN A 135 -0.75 -14.59 -8.61
CA GLN A 135 -0.58 -13.21 -9.05
C GLN A 135 -0.47 -13.11 -10.56
N HIS A 136 0.12 -14.12 -11.20
CA HIS A 136 0.14 -14.20 -12.65
C HIS A 136 -1.27 -14.35 -13.24
N LEU A 137 -2.06 -15.28 -12.69
CA LEU A 137 -3.43 -15.48 -13.16
C LEU A 137 -4.27 -14.23 -12.99
N LEU A 138 -4.04 -13.47 -11.91
CA LEU A 138 -4.75 -12.20 -11.74
C LEU A 138 -4.32 -11.16 -12.76
N GLY A 139 -3.10 -11.25 -13.28
CA GLY A 139 -2.57 -10.28 -14.21
C GLY A 139 -2.02 -9.04 -13.54
N SER A 140 -1.53 -9.17 -12.32
CA SER A 140 -0.92 -8.12 -11.54
CA SER A 140 -1.09 -7.95 -11.70
C SER A 140 0.22 -7.44 -12.31
N ASP A 141 0.39 -6.14 -12.10
CA ASP A 141 1.52 -5.41 -12.65
C ASP A 141 2.73 -5.41 -11.74
N ILE A 142 2.52 -5.24 -10.43
CA ILE A 142 3.59 -5.36 -9.45
C ILE A 142 3.24 -6.55 -8.57
N VAL A 143 4.10 -7.54 -8.62
CA VAL A 143 3.96 -8.80 -7.91
C VAL A 143 4.83 -8.72 -6.67
N MET A 144 4.28 -9.11 -5.52
CA MET A 144 5.05 -9.12 -4.29
C MET A 144 5.59 -10.53 -4.01
N ALA A 145 6.84 -10.59 -3.58
CA ALA A 145 7.40 -11.83 -3.08
C ALA A 145 6.56 -12.38 -1.93
N PHE A 146 6.55 -13.70 -1.81
CA PHE A 146 5.82 -14.38 -0.75
C PHE A 146 6.69 -14.41 0.50
N ASP A 147 6.22 -13.76 1.56
CA ASP A 147 6.98 -13.58 2.78
C ASP A 147 6.17 -14.08 3.97
N GLU A 148 6.79 -13.99 5.13
CA GLU A 148 6.20 -14.42 6.37
C GLU A 148 6.02 -13.24 7.29
N CYS A 149 4.91 -13.26 8.01
N CYS A 149 4.97 -13.28 8.09
CA CYS A 149 4.60 -12.31 9.06
CA CYS A 149 4.65 -12.20 9.02
C CYS A 149 5.44 -12.65 10.28
C CYS A 149 5.28 -12.50 10.37
N THR A 150 6.27 -11.70 10.74
CA THR A 150 6.93 -11.87 12.03
C THR A 150 6.08 -11.21 13.09
N PRO A 151 5.62 -11.93 14.10
CA PRO A 151 4.87 -11.30 15.20
C PRO A 151 5.67 -10.21 15.88
N TYR A 152 4.95 -9.30 16.54
CA TYR A 152 5.58 -8.23 17.30
C TYR A 152 4.98 -8.21 18.71
N PRO A 153 5.82 -8.23 19.76
CA PRO A 153 7.27 -8.36 19.71
C PRO A 153 7.71 -9.79 19.40
N ALA A 154 8.96 -9.92 18.97
CA ALA A 154 9.56 -11.21 18.70
C ALA A 154 10.96 -11.23 19.30
N THR A 155 11.38 -12.39 19.79
CA THR A 155 12.75 -12.52 20.22
C THR A 155 13.67 -12.31 19.02
N PRO A 156 14.90 -11.86 19.24
CA PRO A 156 15.86 -11.79 18.13
C PRO A 156 15.98 -13.09 17.38
N SER A 157 16.02 -14.22 18.08
CA SER A 157 16.21 -15.49 17.39
C SER A 157 15.00 -15.86 16.55
N ARG A 158 13.79 -15.63 17.05
CA ARG A 158 12.61 -15.93 16.25
C ARG A 158 12.47 -14.95 15.10
N ALA A 159 12.79 -13.67 15.32
CA ALA A 159 12.81 -12.73 14.21
C ALA A 159 13.81 -13.14 13.14
N ALA A 160 14.97 -13.66 13.56
CA ALA A 160 16.01 -14.09 12.62
C ALA A 160 15.54 -15.29 11.80
N SER A 161 14.98 -16.31 12.46
CA SER A 161 14.57 -17.48 11.69
CA SER A 161 14.53 -17.49 11.74
C SER A 161 13.41 -17.16 10.76
N SER A 162 12.50 -16.28 11.19
CA SER A 162 11.42 -15.85 10.31
C SER A 162 11.97 -15.08 9.11
N MET A 163 12.84 -14.13 9.37
CA MET A 163 13.43 -13.34 8.28
C MET A 163 14.18 -14.24 7.30
N GLU A 164 14.94 -15.23 7.82
CA GLU A 164 15.72 -16.09 6.95
C GLU A 164 14.82 -16.94 6.07
N ARG A 165 13.73 -17.48 6.61
CA ARG A 165 12.76 -18.18 5.80
C ARG A 165 12.18 -17.25 4.73
N SER A 166 11.82 -16.01 5.12
CA SER A 166 11.34 -15.06 4.14
C SER A 166 12.36 -14.83 3.02
N MET A 167 13.65 -14.80 3.35
CA MET A 167 14.64 -14.57 2.29
C MET A 167 14.78 -15.77 1.37
N ARG A 168 14.68 -16.99 1.90
CA ARG A 168 14.67 -18.17 1.03
C ARG A 168 13.42 -18.15 0.15
N TRP A 169 12.30 -17.75 0.72
CA TRP A 169 11.07 -17.63 -0.05
C TRP A 169 11.16 -16.51 -1.09
N ALA A 170 11.93 -15.46 -0.80
CA ALA A 170 12.11 -14.39 -1.77
C ALA A 170 12.87 -14.90 -2.99
N LYS A 171 13.90 -15.73 -2.78
CA LYS A 171 14.62 -16.33 -3.89
C LYS A 171 13.69 -17.26 -4.69
N ARG A 172 12.88 -18.07 -4.00
CA ARG A 172 11.93 -18.92 -4.71
C ARG A 172 10.92 -18.09 -5.51
N SER A 173 10.51 -16.94 -4.96
CA SER A 173 9.59 -16.04 -5.66
C SER A 173 10.23 -15.48 -6.93
N ARG A 174 11.48 -15.02 -6.82
CA ARG A 174 12.23 -14.55 -7.97
C ARG A 174 12.31 -15.62 -9.05
N ASP A 175 12.64 -16.86 -8.67
CA ASP A 175 12.79 -17.91 -9.66
C ASP A 175 11.47 -18.25 -10.33
N ALA A 176 10.39 -18.33 -9.55
CA ALA A 176 9.09 -18.66 -10.12
C ALA A 176 8.63 -17.58 -11.09
N PHE A 177 8.83 -16.32 -10.72
CA PHE A 177 8.47 -15.19 -11.57
C PHE A 177 9.27 -15.23 -12.87
N ASP A 178 10.59 -15.45 -12.76
CA ASP A 178 11.44 -15.45 -13.94
C ASP A 178 11.16 -16.61 -14.89
N SER A 179 10.62 -17.70 -14.38
CA SER A 179 10.30 -18.87 -15.19
CA SER A 179 10.37 -18.83 -15.26
C SER A 179 9.10 -18.66 -16.10
N ARG A 180 8.28 -17.68 -15.79
CA ARG A 180 7.03 -17.41 -16.49
C ARG A 180 7.30 -16.22 -17.41
N LYS A 181 7.62 -16.51 -18.66
CA LYS A 181 8.19 -15.46 -19.50
C LYS A 181 7.22 -14.30 -19.72
N GLU A 182 5.91 -14.57 -19.87
CA GLU A 182 4.96 -13.46 -20.04
C GLU A 182 4.91 -12.58 -18.80
N GLN A 183 5.00 -13.19 -17.63
CA GLN A 183 4.99 -12.42 -16.39
C GLN A 183 6.25 -11.60 -16.27
N ALA A 184 7.40 -12.22 -16.55
CA ALA A 184 8.66 -11.50 -16.42
C ALA A 184 8.79 -10.37 -17.42
N GLU A 185 8.13 -10.48 -18.58
CA GLU A 185 8.20 -9.45 -19.61
C GLU A 185 7.27 -8.27 -19.32
N ASN A 186 6.17 -8.50 -18.60
CA ASN A 186 5.12 -7.50 -18.47
C ASN A 186 4.92 -6.95 -17.08
N ALA A 187 5.42 -7.61 -16.05
CA ALA A 187 5.20 -7.24 -14.67
C ALA A 187 6.55 -6.95 -14.01
N ALA A 188 6.47 -6.44 -12.79
CA ALA A 188 7.61 -6.19 -11.93
C ALA A 188 7.47 -7.01 -10.66
N LEU A 189 8.61 -7.30 -10.02
CA LEU A 189 8.65 -8.11 -8.81
C LEU A 189 9.34 -7.32 -7.71
N PHE A 190 8.67 -7.20 -6.56
CA PHE A 190 9.26 -6.52 -5.41
C PHE A 190 9.59 -7.54 -4.32
N GLY A 191 10.74 -7.34 -3.68
CA GLY A 191 11.11 -8.10 -2.50
C GLY A 191 10.68 -7.39 -1.23
N ILE A 192 10.60 -8.12 -0.12
CA ILE A 192 10.10 -7.58 1.14
C ILE A 192 11.14 -7.82 2.23
N GLN A 193 11.68 -6.72 2.76
CA GLN A 193 12.60 -6.78 3.88
C GLN A 193 11.87 -7.11 5.16
N GLN A 194 12.44 -8.02 5.93
CA GLN A 194 11.93 -8.37 7.26
C GLN A 194 13.05 -8.17 8.29
N GLY A 195 12.92 -8.75 9.49
CA GLY A 195 13.89 -8.52 10.53
C GLY A 195 13.36 -7.81 11.76
N SER A 196 12.05 -7.66 11.85
CA SER A 196 11.40 -7.06 13.03
C SER A 196 12.02 -5.68 13.27
N VAL A 197 12.41 -5.36 14.50
CA VAL A 197 12.94 -4.05 14.86
C VAL A 197 14.46 -4.07 15.02
N PHE A 198 15.12 -5.12 14.55
CA PHE A 198 16.54 -5.35 14.85
C PHE A 198 17.41 -4.93 13.66
N GLU A 199 18.33 -4.00 13.91
CA GLU A 199 19.13 -3.45 12.83
C GLU A 199 19.94 -4.52 12.12
N ASN A 200 20.58 -5.43 12.86
CA ASN A 200 21.41 -6.42 12.20
C ASN A 200 20.60 -7.33 11.29
N LEU A 201 19.38 -7.68 11.71
CA LEU A 201 18.54 -8.54 10.87
C LEU A 201 18.02 -7.80 9.66
N ARG A 202 17.65 -6.53 9.84
CA ARG A 202 17.25 -5.69 8.70
C ARG A 202 18.38 -5.60 7.68
N GLN A 203 19.63 -5.49 8.15
CA GLN A 203 20.77 -5.44 7.25
C GLN A 203 20.94 -6.76 6.51
N GLN A 204 20.90 -7.89 7.22
CA GLN A 204 21.00 -9.18 6.56
C GLN A 204 19.89 -9.36 5.54
N SER A 205 18.69 -8.91 5.87
CA SER A 205 17.56 -9.04 4.95
C SER A 205 17.78 -8.18 3.71
N ALA A 206 18.17 -6.93 3.89
CA ALA A 206 18.44 -6.07 2.74
C ALA A 206 19.53 -6.65 1.86
N ASP A 207 20.58 -7.21 2.47
CA ASP A 207 21.68 -7.76 1.69
C ASP A 207 21.20 -8.95 0.86
N ALA A 208 20.41 -9.84 1.47
CA ALA A 208 19.89 -10.99 0.74
C ALA A 208 19.02 -10.55 -0.42
N LEU A 209 18.14 -9.57 -0.19
CA LEU A 209 17.27 -9.13 -1.27
C LEU A 209 18.04 -8.49 -2.41
N ALA A 210 19.04 -7.67 -2.08
CA ALA A 210 19.83 -7.03 -3.15
C ALA A 210 20.64 -8.06 -3.92
N GLU A 211 21.08 -9.12 -3.26
CA GLU A 211 21.83 -10.16 -3.95
C GLU A 211 20.95 -10.93 -4.94
N ILE A 212 19.68 -11.13 -4.59
CA ILE A 212 18.72 -11.75 -5.50
C ILE A 212 18.40 -10.78 -6.64
N GLY A 213 18.10 -9.53 -6.29
CA GLY A 213 17.76 -8.48 -7.22
C GLY A 213 16.27 -8.39 -7.45
N PHE A 214 15.68 -7.22 -7.20
CA PHE A 214 14.26 -6.97 -7.39
C PHE A 214 14.07 -5.62 -8.07
N ASP A 215 12.87 -5.42 -8.62
CA ASP A 215 12.51 -4.13 -9.21
C ASP A 215 12.21 -3.08 -8.15
N GLY A 216 11.82 -3.50 -6.96
CA GLY A 216 11.52 -2.60 -5.87
C GLY A 216 11.65 -3.37 -4.57
N TYR A 217 11.75 -2.62 -3.47
CA TYR A 217 12.03 -3.17 -2.16
C TYR A 217 11.02 -2.63 -1.17
N ALA A 218 10.25 -3.52 -0.59
CA ALA A 218 9.32 -3.15 0.45
C ALA A 218 9.94 -3.32 1.82
N VAL A 219 9.50 -2.48 2.74
CA VAL A 219 9.79 -2.63 4.14
C VAL A 219 8.56 -3.30 4.75
N GLY A 220 8.71 -4.58 5.07
CA GLY A 220 7.64 -5.33 5.68
C GLY A 220 7.79 -5.34 7.18
N GLY A 221 6.75 -5.83 7.84
CA GLY A 221 6.84 -6.10 9.27
C GLY A 221 6.73 -4.88 10.16
N LEU A 222 6.33 -3.72 9.64
CA LEU A 222 6.19 -2.52 10.45
C LEU A 222 4.76 -2.04 10.58
N ALA A 223 3.79 -2.79 10.08
CA ALA A 223 2.39 -2.48 10.37
C ALA A 223 1.88 -3.43 11.46
N VAL A 224 2.50 -3.36 12.64
CA VAL A 224 2.32 -4.40 13.65
C VAL A 224 2.07 -3.87 15.06
N GLY A 225 1.70 -2.59 15.17
CA GLY A 225 1.32 -2.02 16.46
C GLY A 225 2.45 -1.51 17.30
N GLU A 226 3.63 -1.28 16.70
CA GLU A 226 4.80 -0.83 17.45
C GLU A 226 4.76 0.64 17.80
N GLY A 227 3.87 1.42 17.20
CA GLY A 227 3.83 2.85 17.41
C GLY A 227 4.76 3.60 16.47
N GLN A 228 4.42 4.87 16.26
CA GLN A 228 5.12 5.67 15.25
C GLN A 228 6.58 5.90 15.63
N ASP A 229 6.87 6.16 16.90
CA ASP A 229 8.25 6.43 17.28
C ASP A 229 9.16 5.26 16.91
N GLU A 230 8.72 4.04 17.25
CA GLU A 230 9.53 2.87 16.95
C GLU A 230 9.56 2.59 15.44
N MET A 231 8.43 2.79 14.76
CA MET A 231 8.43 2.62 13.31
C MET A 231 9.47 3.55 12.66
N PHE A 232 9.48 4.81 13.08
CA PHE A 232 10.42 5.77 12.53
C PHE A 232 11.86 5.39 12.86
N ARG A 233 12.10 4.92 14.09
CA ARG A 233 13.44 4.47 14.47
C ARG A 233 13.94 3.37 13.54
N VAL A 234 13.08 2.38 13.26
CA VAL A 234 13.49 1.29 12.39
C VAL A 234 13.69 1.79 10.96
N LEU A 235 12.80 2.67 10.49
CA LEU A 235 12.96 3.24 9.15
C LEU A 235 14.26 4.01 9.04
N ASP A 236 14.67 4.69 10.11
CA ASP A 236 15.88 5.50 10.07
C ASP A 236 17.08 4.70 9.60
N PHE A 237 17.25 3.47 10.12
CA PHE A 237 18.36 2.64 9.67
C PHE A 237 18.01 1.68 8.54
N SER A 238 16.73 1.33 8.35
CA SER A 238 16.40 0.26 7.41
C SER A 238 16.36 0.75 5.96
N VAL A 239 15.80 1.93 5.72
CA VAL A 239 15.61 2.36 4.33
C VAL A 239 16.95 2.58 3.65
N PRO A 240 17.95 3.16 4.32
CA PRO A 240 19.26 3.33 3.67
C PRO A 240 19.93 2.03 3.28
N MET A 241 19.52 0.90 3.86
CA MET A 241 20.09 -0.39 3.50
C MET A 241 19.62 -0.89 2.14
N LEU A 242 18.50 -0.38 1.65
CA LEU A 242 17.93 -0.83 0.40
C LEU A 242 18.61 -0.13 -0.77
N PRO A 243 18.63 -0.73 -1.94
CA PRO A 243 19.18 -0.02 -3.11
C PRO A 243 18.51 1.32 -3.31
N ASP A 244 19.32 2.36 -3.48
CA ASP A 244 18.79 3.70 -3.65
C ASP A 244 18.00 3.84 -4.94
N ASP A 245 18.39 3.13 -5.98
CA ASP A 245 17.89 3.33 -7.33
C ASP A 245 16.61 2.55 -7.64
N LYS A 246 15.95 1.98 -6.63
CA LYS A 246 14.69 1.29 -6.83
C LYS A 246 13.68 1.85 -5.84
N PRO A 247 12.39 1.70 -6.13
CA PRO A 247 11.39 2.21 -5.19
C PRO A 247 11.42 1.49 -3.85
N HIS A 248 11.02 2.23 -2.82
CA HIS A 248 10.96 1.76 -1.43
C HIS A 248 9.49 1.84 -1.01
N TYR A 249 8.92 0.70 -0.62
CA TYR A 249 7.49 0.58 -0.36
C TYR A 249 7.24 0.18 1.09
N LEU A 250 6.61 1.06 1.86
CA LEU A 250 6.26 0.75 3.25
C LEU A 250 4.87 0.15 3.28
N MET A 251 4.79 -1.14 3.59
CA MET A 251 3.53 -1.85 3.47
C MET A 251 2.63 -1.57 4.66
N GLY A 252 1.36 -1.28 4.38
CA GLY A 252 0.35 -1.18 5.41
C GLY A 252 0.35 0.09 6.22
N VAL A 253 1.02 1.14 5.75
CA VAL A 253 1.13 2.42 6.44
C VAL A 253 0.61 3.50 5.50
N GLY A 254 -0.17 4.45 6.01
CA GLY A 254 -0.63 4.60 7.37
C GLY A 254 -1.44 5.89 7.50
N LYS A 255 -1.42 6.45 8.70
CA LYS A 255 -2.05 7.73 8.93
C LYS A 255 -1.29 8.82 8.18
N PRO A 256 -1.93 9.97 7.94
CA PRO A 256 -1.23 11.03 7.19
C PRO A 256 0.13 11.40 7.76
N ASP A 257 0.25 11.55 9.07
CA ASP A 257 1.55 11.90 9.65
C ASP A 257 2.56 10.76 9.54
N ASP A 258 2.10 9.50 9.58
CA ASP A 258 3.00 8.38 9.33
C ASP A 258 3.62 8.50 7.94
N ILE A 259 2.78 8.82 6.94
CA ILE A 259 3.23 8.93 5.56
C ILE A 259 4.26 10.04 5.44
N VAL A 260 3.97 11.22 5.99
CA VAL A 260 4.90 12.33 5.85
C VAL A 260 6.26 11.96 6.44
N GLY A 261 6.27 11.42 7.66
CA GLY A 261 7.53 11.05 8.29
C GLY A 261 8.25 9.92 7.56
N ALA A 262 7.49 8.99 6.99
CA ALA A 262 8.12 7.91 6.23
C ALA A 262 8.74 8.44 4.94
N VAL A 263 8.11 9.39 4.27
CA VAL A 263 8.72 10.03 3.10
C VAL A 263 10.02 10.73 3.49
N GLU A 264 10.02 11.43 4.63
CA GLU A 264 11.23 12.05 5.14
C GLU A 264 12.35 11.05 5.35
N ARG A 265 12.02 9.76 5.45
CA ARG A 265 12.98 8.70 5.67
C ARG A 265 13.23 7.85 4.44
N GLY A 266 12.73 8.27 3.26
CA GLY A 266 13.07 7.65 2.00
C GLY A 266 12.07 6.69 1.43
N ILE A 267 10.83 6.67 1.92
CA ILE A 267 9.79 5.80 1.38
C ILE A 267 9.12 6.47 0.19
N ASP A 268 8.86 5.67 -0.85
CA ASP A 268 8.26 6.11 -2.10
C ASP A 268 6.84 5.64 -2.33
N MET A 269 6.36 4.61 -1.63
CA MET A 269 5.07 4.00 -1.90
C MET A 269 4.45 3.53 -0.60
N PHE A 270 3.11 3.60 -0.53
CA PHE A 270 2.31 3.28 0.64
C PHE A 270 1.01 2.63 0.22
N ASP A 271 0.47 1.78 1.10
CA ASP A 271 -0.91 1.33 1.00
C ASP A 271 -1.47 1.28 2.41
N CYS A 272 -2.77 1.55 2.56
CA CYS A 272 -3.41 1.43 3.86
CA CYS A 272 -3.41 1.22 3.81
C CYS A 272 -4.92 1.37 3.68
N VAL A 273 -5.60 0.60 4.53
CA VAL A 273 -7.07 0.59 4.52
C VAL A 273 -7.68 1.77 5.26
N LEU A 274 -6.88 2.56 5.95
CA LEU A 274 -7.46 3.62 6.79
C LEU A 274 -8.43 4.53 6.06
N PRO A 275 -8.11 5.13 4.91
CA PRO A 275 -9.05 6.09 4.33
C PRO A 275 -10.38 5.48 3.96
N THR A 276 -10.36 4.25 3.41
CA THR A 276 -11.59 3.58 3.04
C THR A 276 -12.35 3.10 4.28
N ARG A 277 -11.68 2.36 5.15
CA ARG A 277 -12.35 1.80 6.32
C ARG A 277 -12.85 2.89 7.24
N SER A 278 -12.01 3.88 7.53
N SER A 278 -12.03 3.90 7.52
CA SER A 278 -12.42 5.00 8.38
CA SER A 278 -12.48 4.94 8.43
C SER A 278 -13.57 5.75 7.77
C SER A 278 -13.55 5.82 7.79
N GLY A 279 -13.50 5.98 6.46
CA GLY A 279 -14.57 6.71 5.79
C GLY A 279 -15.91 6.07 6.03
N ARG A 280 -15.99 4.75 5.82
CA ARG A 280 -17.26 4.05 6.04
C ARG A 280 -17.73 4.19 7.48
N ASN A 281 -16.79 4.28 8.43
N ASN A 281 -16.79 4.27 8.44
CA ASN A 281 -17.11 4.36 9.85
CA ASN A 281 -17.15 4.37 9.84
C ASN A 281 -17.43 5.77 10.32
C ASN A 281 -17.18 5.81 10.35
N GLY A 282 -17.33 6.78 9.45
CA GLY A 282 -17.64 8.15 9.85
C GLY A 282 -16.47 9.05 10.14
N GLN A 283 -15.24 8.61 9.91
CA GLN A 283 -14.08 9.46 10.17
C GLN A 283 -13.60 10.05 8.85
N ALA A 284 -13.55 11.38 8.78
CA ALA A 284 -13.04 12.10 7.62
C ALA A 284 -11.71 12.75 7.94
N PHE A 285 -10.76 12.62 7.01
CA PHE A 285 -9.48 13.28 7.15
C PHE A 285 -9.55 14.71 6.62
N THR A 286 -8.99 15.63 7.39
CA THR A 286 -8.94 17.03 7.00
C THR A 286 -7.55 17.57 7.32
N TRP A 287 -7.23 18.74 6.74
CA TRP A 287 -5.95 19.35 7.01
C TRP A 287 -5.82 19.80 8.44
N ASP A 288 -6.94 19.90 9.16
CA ASP A 288 -6.96 20.20 10.59
C ASP A 288 -7.17 18.94 11.42
N GLY A 289 -6.79 17.78 10.89
CA GLY A 289 -6.91 16.53 11.61
C GLY A 289 -8.18 15.79 11.27
N PRO A 290 -8.32 14.57 11.78
CA PRO A 290 -9.54 13.80 11.51
C PRO A 290 -10.73 14.37 12.29
N ILE A 291 -11.92 14.18 11.72
CA ILE A 291 -13.18 14.53 12.38
C ILE A 291 -14.11 13.33 12.33
N ASN A 292 -14.97 13.19 13.33
CA ASN A 292 -16.01 12.17 13.31
C ASN A 292 -17.31 12.84 12.91
N ILE A 293 -17.70 12.60 11.65
CA ILE A 293 -18.81 13.31 11.07
C ILE A 293 -20.14 12.98 11.75
N ARG A 294 -20.23 11.85 12.45
CA ARG A 294 -21.46 11.55 13.18
C ARG A 294 -21.67 12.46 14.38
N ASN A 295 -20.62 13.13 14.86
CA ASN A 295 -20.76 13.96 16.06
C ASN A 295 -21.81 15.03 15.86
N ALA A 296 -22.55 15.30 16.94
CA ALA A 296 -23.64 16.27 16.91
C ALA A 296 -23.20 17.63 16.42
N ARG A 297 -21.93 17.99 16.63
CA ARG A 297 -21.50 19.33 16.26
C ARG A 297 -21.58 19.59 14.77
N PHE A 298 -21.76 18.55 13.94
CA PHE A 298 -21.82 18.71 12.50
C PHE A 298 -23.24 18.77 11.95
N SER A 299 -24.26 18.68 12.79
CA SER A 299 -25.62 18.48 12.30
C SER A 299 -26.12 19.66 11.47
N GLU A 300 -25.59 20.87 11.69
CA GLU A 300 -26.02 22.05 10.94
C GLU A 300 -24.84 22.77 10.28
N ASP A 301 -23.73 22.06 10.09
CA ASP A 301 -22.51 22.66 9.55
C ASP A 301 -22.58 22.59 8.03
N LEU A 302 -22.74 23.75 7.40
CA LEU A 302 -22.87 23.82 5.95
C LEU A 302 -21.53 23.81 5.23
N LYS A 303 -20.42 23.84 5.95
CA LYS A 303 -19.13 23.74 5.29
C LYS A 303 -18.93 22.33 4.75
N PRO A 304 -18.11 22.18 3.71
CA PRO A 304 -17.73 20.84 3.26
C PRO A 304 -16.84 20.16 4.30
N LEU A 305 -16.59 18.87 4.07
CA LEU A 305 -15.73 18.12 4.99
C LEU A 305 -14.43 18.87 5.26
N ASP A 306 -13.80 19.40 4.21
CA ASP A 306 -12.62 20.23 4.36
C ASP A 306 -12.72 21.40 3.39
N SER A 307 -12.58 22.62 3.90
CA SER A 307 -12.80 23.81 3.09
C SER A 307 -11.66 24.12 2.13
N GLU A 308 -10.57 23.36 2.15
CA GLU A 308 -9.51 23.51 1.15
C GLU A 308 -9.42 22.33 0.21
N CYS A 309 -10.18 21.26 0.45
CA CYS A 309 -10.13 20.07 -0.39
C CYS A 309 -10.74 20.33 -1.76
N HIS A 310 -10.09 19.80 -2.79
CA HIS A 310 -10.54 19.96 -4.17
C HIS A 310 -11.46 18.85 -4.64
N CYS A 311 -11.83 17.90 -3.79
CA CYS A 311 -12.57 16.75 -4.28
C CYS A 311 -14.02 17.09 -4.63
N ALA A 312 -14.64 16.22 -5.41
CA ALA A 312 -16.01 16.45 -5.85
C ALA A 312 -16.99 16.49 -4.68
N VAL A 313 -16.73 15.72 -3.63
CA VAL A 313 -17.63 15.72 -2.48
C VAL A 313 -17.63 17.09 -1.83
N CYS A 314 -16.45 17.67 -1.66
CA CYS A 314 -16.34 18.96 -1.01
C CYS A 314 -16.81 20.11 -1.89
N GLN A 315 -16.96 19.88 -3.20
CA GLN A 315 -17.57 20.87 -4.07
C GLN A 315 -19.09 20.90 -3.94
N LYS A 316 -19.71 19.79 -3.51
CA LYS A 316 -21.14 19.57 -3.72
C LYS A 316 -21.96 19.34 -2.45
N TRP A 317 -21.39 18.83 -1.35
CA TRP A 317 -22.17 18.45 -0.18
C TRP A 317 -21.55 18.96 1.11
N SER A 318 -22.42 19.24 2.06
CA SER A 318 -22.02 19.75 3.36
C SER A 318 -21.75 18.63 4.36
N ARG A 319 -21.00 19.01 5.40
CA ARG A 319 -20.88 18.19 6.60
C ARG A 319 -22.24 17.79 7.14
N ALA A 320 -23.19 18.74 7.18
CA ALA A 320 -24.52 18.43 7.72
C ALA A 320 -25.20 17.30 6.96
N TYR A 321 -25.11 17.33 5.63
CA TYR A 321 -25.74 16.28 4.84
C TYR A 321 -25.04 14.94 5.06
N ILE A 322 -23.72 14.93 5.04
CA ILE A 322 -22.99 13.68 5.20
C ILE A 322 -23.20 13.12 6.60
N HIS A 323 -23.23 13.99 7.61
CA HIS A 323 -23.59 13.60 8.98
C HIS A 323 -24.92 12.87 8.99
N HIS A 324 -25.93 13.46 8.33
CA HIS A 324 -27.24 12.82 8.25
C HIS A 324 -27.17 11.46 7.58
N LEU A 325 -26.45 11.36 6.46
CA LEU A 325 -26.38 10.08 5.75
C LEU A 325 -25.73 9.00 6.59
N ILE A 326 -24.59 9.32 7.23
CA ILE A 326 -23.89 8.30 8.00
C ILE A 326 -24.74 7.85 9.19
N ARG A 327 -25.37 8.81 9.88
CA ARG A 327 -26.21 8.43 11.01
C ARG A 327 -27.40 7.57 10.55
N ALA A 328 -27.90 7.80 9.34
CA ALA A 328 -29.01 7.02 8.79
C ALA A 328 -28.57 5.68 8.22
N GLY A 329 -27.27 5.38 8.21
CA GLY A 329 -26.80 4.13 7.63
C GLY A 329 -26.92 4.07 6.13
N GLU A 330 -26.94 5.22 5.47
CA GLU A 330 -27.14 5.28 4.04
C GLU A 330 -25.85 4.99 3.27
N ILE A 331 -25.98 4.19 2.21
CA ILE A 331 -24.85 3.85 1.37
C ILE A 331 -24.18 5.10 0.81
N LEU A 332 -24.95 6.09 0.41
CA LEU A 332 -24.34 7.31 -0.12
C LEU A 332 -23.40 7.95 0.90
N GLY A 333 -23.70 7.84 2.19
CA GLY A 333 -22.76 8.37 3.17
C GLY A 333 -21.39 7.72 3.07
N ALA A 334 -21.37 6.39 3.00
CA ALA A 334 -20.10 5.69 2.83
C ALA A 334 -19.40 6.08 1.53
N MET A 335 -20.16 6.22 0.45
CA MET A 335 -19.60 6.61 -0.83
C MET A 335 -18.90 7.96 -0.72
N LEU A 336 -19.59 8.94 -0.14
CA LEU A 336 -19.04 10.30 -0.11
C LEU A 336 -17.86 10.40 0.83
N MET A 337 -17.94 9.77 2.00
CA MET A 337 -16.82 9.79 2.94
C MET A 337 -15.60 9.13 2.32
N THR A 338 -15.78 7.99 1.64
CA THR A 338 -14.66 7.27 1.08
C THR A 338 -14.02 8.05 -0.05
N GLU A 339 -14.82 8.64 -0.93
CA GLU A 339 -14.26 9.43 -2.01
C GLU A 339 -13.45 10.59 -1.46
N HIS A 340 -14.01 11.31 -0.49
CA HIS A 340 -13.27 12.42 0.10
C HIS A 340 -11.97 11.93 0.74
N ASN A 341 -12.02 10.85 1.53
CA ASN A 341 -10.80 10.42 2.22
C ASN A 341 -9.72 9.99 1.24
N ILE A 342 -10.09 9.24 0.20
CA ILE A 342 -9.09 8.85 -0.79
C ILE A 342 -8.56 10.08 -1.52
N ALA A 343 -9.43 11.03 -1.86
CA ALA A 343 -8.98 12.26 -2.48
C ALA A 343 -8.05 13.06 -1.56
N PHE A 344 -8.36 13.10 -0.25
CA PHE A 344 -7.50 13.78 0.69
C PHE A 344 -6.11 13.14 0.69
N TYR A 345 -6.06 11.81 0.74
CA TYR A 345 -4.78 11.12 0.70
C TYR A 345 -4.01 11.46 -0.59
N GLN A 346 -4.71 11.48 -1.72
CA GLN A 346 -4.05 11.81 -2.98
C GLN A 346 -3.55 13.25 -3.00
N GLN A 347 -4.32 14.17 -2.44
CA GLN A 347 -3.88 15.57 -2.37
C GLN A 347 -2.69 15.71 -1.44
N LEU A 348 -2.66 14.94 -0.35
CA LEU A 348 -1.47 14.90 0.50
C LEU A 348 -0.27 14.43 -0.31
N MET A 349 -0.42 13.34 -1.07
CA MET A 349 0.71 12.86 -1.85
C MET A 349 1.15 13.89 -2.88
N GLN A 350 0.19 14.58 -3.51
CA GLN A 350 0.54 15.60 -4.49
C GLN A 350 1.32 16.73 -3.84
N LYS A 351 0.89 17.16 -2.65
CA LYS A 351 1.61 18.22 -1.96
C LYS A 351 3.01 17.76 -1.58
N ILE A 352 3.16 16.50 -1.19
CA ILE A 352 4.47 15.94 -0.89
C ILE A 352 5.34 15.96 -2.13
N ARG A 353 4.82 15.46 -3.26
CA ARG A 353 5.60 15.43 -4.51
C ARG A 353 6.02 16.83 -4.93
N ASP A 354 5.07 17.77 -4.92
CA ASP A 354 5.38 19.12 -5.36
C ASP A 354 6.40 19.77 -4.44
N SER A 355 6.26 19.57 -3.13
CA SER A 355 7.19 20.23 -2.22
C SER A 355 8.59 19.65 -2.34
N ILE A 356 8.73 18.33 -2.53
CA ILE A 356 10.07 17.78 -2.77
C ILE A 356 10.65 18.32 -4.06
N SER A 357 9.84 18.34 -5.12
CA SER A 357 10.31 18.85 -6.40
C SER A 357 10.82 20.28 -6.28
N GLU A 358 10.15 21.08 -5.46
CA GLU A 358 10.43 22.49 -5.30
C GLU A 358 11.43 22.77 -4.19
N GLY A 359 11.95 21.74 -3.52
CA GLY A 359 12.91 21.94 -2.46
C GLY A 359 12.35 22.61 -1.22
N ARG A 360 11.08 22.38 -0.91
CA ARG A 360 10.46 22.96 0.29
C ARG A 360 9.68 21.90 1.07
N PHE A 361 10.11 20.65 1.00
CA PHE A 361 9.41 19.58 1.70
C PHE A 361 9.58 19.68 3.23
N SER A 362 10.76 20.07 3.69
CA SER A 362 10.97 20.23 5.13
C SER A 362 9.98 21.22 5.71
N GLN A 363 9.81 22.36 5.04
CA GLN A 363 8.85 23.35 5.51
C GLN A 363 7.43 22.82 5.43
N PHE A 364 7.11 22.12 4.34
CA PHE A 364 5.78 21.53 4.21
C PHE A 364 5.49 20.60 5.38
N ALA A 365 6.44 19.72 5.70
CA ALA A 365 6.20 18.74 6.76
C ALA A 365 5.96 19.43 8.08
N GLN A 366 6.75 20.46 8.38
CA GLN A 366 6.57 21.22 9.61
C GLN A 366 5.21 21.91 9.63
N ASP A 367 4.85 22.59 8.54
CA ASP A 367 3.56 23.27 8.47
C ASP A 367 2.41 22.28 8.56
N PHE A 368 2.55 21.14 7.89
CA PHE A 368 1.51 20.12 7.91
C PHE A 368 1.25 19.65 9.34
N ARG A 369 2.31 19.29 10.07
CA ARG A 369 2.15 18.75 11.41
C ARG A 369 1.55 19.80 12.35
N ALA A 370 2.04 21.02 12.28
CA ALA A 370 1.55 22.08 13.17
C ALA A 370 0.04 22.20 13.05
N ARG A 371 -0.48 22.21 11.82
CA ARG A 371 -1.91 22.41 11.61
C ARG A 371 -2.70 21.14 11.83
N TYR A 372 -2.18 20.00 11.38
CA TYR A 372 -2.92 18.75 11.50
C TYR A 372 -3.15 18.41 12.96
N PHE A 373 -2.16 18.68 13.81
CA PHE A 373 -2.28 18.33 15.22
C PHE A 373 -2.84 19.45 16.07
N ALA A 374 -2.99 20.66 15.54
CA ALA A 374 -3.72 21.69 16.26
C ALA A 374 -5.21 21.35 16.34
N ARG A 375 -5.77 20.78 15.28
CA ARG A 375 -7.17 20.38 15.28
C ARG A 375 -8.06 21.60 15.47
ZN ZN B . -13.05 16.53 -0.08
S DMS C . -2.71 -14.31 -18.39
O DMS C . -1.89 -14.86 -19.49
C1 DMS C . -2.57 -15.43 -16.98
C2 DMS C . -1.79 -12.90 -17.71
C1 PEG D . -6.24 12.03 -12.53
O1 PEG D . -4.99 12.55 -12.95
C2 PEG D . -7.11 13.11 -11.96
O2 PEG D . -6.47 13.69 -10.83
C3 PEG D . -7.39 14.33 -9.95
C4 PEG D . -6.66 14.92 -8.79
O4 PEG D . -5.90 16.05 -9.16
N9 GUN E . 1.36 -5.70 4.58
C8 GUN E . 1.79 -5.08 5.70
N7 GUN E . 2.90 -5.58 6.20
C5 GUN E . 3.22 -6.62 5.33
C6 GUN E . 4.30 -7.56 5.33
O6 GUN E . 5.23 -7.61 6.12
N1 GUN E . 4.22 -8.46 4.27
C2 GUN E . 3.23 -8.46 3.33
N2 GUN E . 3.31 -9.38 2.37
N3 GUN E . 2.22 -7.59 3.31
C4 GUN E . 2.26 -6.70 4.34
C1 PGE F . -18.27 25.31 -0.86
O1 PGE F . -19.17 26.38 -1.13
C2 PGE F . -18.96 24.01 -1.21
O2 PGE F . -19.93 23.70 -0.23
C3 PGE F . -20.60 22.50 -0.49
C4 PGE F . -21.76 22.35 0.48
O4 PGE F . -24.57 25.72 1.25
C6 PGE F . -24.79 24.38 0.80
C5 PGE F . -23.63 23.52 1.28
O3 PGE F . -22.68 23.39 0.23
#